data_1JN6
#
_entry.id   1JN6
#
_cell.length_a   49.881
_cell.length_b   73.119
_cell.length_c   142.604
_cell.angle_alpha   90.00
_cell.angle_beta   90.00
_cell.angle_gamma   90.00
#
_symmetry.space_group_name_H-M   'P 21 21 21'
#
loop_
_entity.id
_entity.type
_entity.pdbx_description
1 polymer 'monoclonal anti-estradiol 10G6D6 Fab light chain'
2 polymer 'monoclonal anti-estradiol 10G6D6 Fab heavy chain'
3 water water
#
loop_
_entity_poly.entity_id
_entity_poly.type
_entity_poly.pdbx_seq_one_letter_code
_entity_poly.pdbx_strand_id
1 'polypeptide(L)'
;QAVVTQESALTTSPGETVTLTCRSSSGAITTSHYANWIQEKPDHLFTGLISGTNNRAPGVPARFSGSLIGDKAALTITGA
QTEDEAIYICALWFSNQFIFGSGTKVTVLGQPKSSPSVTLFPPSSEELETNKATLVCTITDFYPGVVTVDWKVDGTPVTQ
GMETTQPSKQSNNKYMASSYLTLTARAWERHSSYSCQVTHEGHTVEKSLS
;
A
2 'polypeptide(L)'
;EVQLQQSGAELARPGASVKLSCRTSGYSFTTYWMQWVRQRPGQGLEWIAAIYPGDDDARYTQKFKGKATLTADRSSSIVY
LQLNSLTSEDSAVYSCSRGRSLYYTMDYWGQGTSVTVSSAKTTPPSVYPLAPGSAAQTNSMVTLGCLVKGYFPEPVTVSW
NTGSLSSGVHTFPAVLQSDLYTLSSSVTVPSSTWPSETVTCNVAHPASSTKVDKKIVP
;
B
#
# COMPACT_ATOMS: atom_id res chain seq x y z
N GLN A 1 1.82 28.34 11.59
CA GLN A 1 1.71 27.31 10.51
C GLN A 1 0.46 27.59 9.69
N ALA A 2 0.30 26.87 8.58
CA ALA A 2 -0.84 27.08 7.68
C ALA A 2 -1.46 25.78 7.20
N VAL A 3 -2.40 25.90 6.26
CA VAL A 3 -3.10 24.75 5.72
C VAL A 3 -3.00 24.72 4.20
N VAL A 4 -2.34 23.71 3.66
CA VAL A 4 -2.19 23.57 2.23
C VAL A 4 -3.40 22.78 1.72
N THR A 5 -3.94 23.19 0.58
CA THR A 5 -5.12 22.56 0.01
C THR A 5 -4.99 22.22 -1.47
N GLN A 6 -5.45 21.03 -1.81
CA GLN A 6 -5.40 20.57 -3.19
C GLN A 6 -6.77 19.96 -3.54
N GLU A 7 -7.07 19.90 -4.82
CA GLU A 7 -8.33 19.35 -5.30
C GLU A 7 -8.25 17.84 -5.08
N SER A 8 -9.16 17.31 -4.27
CA SER A 8 -9.18 15.88 -3.95
C SER A 8 -8.99 14.91 -5.11
N ALA A 9 -9.67 15.15 -6.23
CA ALA A 9 -9.55 14.25 -7.37
C ALA A 9 -9.75 14.94 -8.71
N LEU A 10 -8.79 14.74 -9.62
CA LEU A 10 -8.85 15.31 -10.97
C LEU A 10 -8.76 14.15 -11.94
N THR A 11 -9.77 14.03 -12.80
CA THR A 11 -9.84 12.95 -13.78
C THR A 11 -9.45 13.50 -15.15
N THR A 12 -8.83 12.65 -15.98
CA THR A 12 -8.41 13.06 -17.31
C THR A 12 -8.21 11.87 -18.26
N SER A 13 -8.19 12.17 -19.55
CA SER A 13 -8.00 11.16 -20.59
C SER A 13 -6.54 11.24 -21.00
N PRO A 14 -5.95 10.12 -21.44
CA PRO A 14 -4.54 10.09 -21.86
C PRO A 14 -4.26 11.17 -22.90
N GLY A 15 -3.14 11.85 -22.75
CA GLY A 15 -2.77 12.88 -23.70
C GLY A 15 -3.24 14.28 -23.33
N GLU A 16 -4.28 14.37 -22.51
CA GLU A 16 -4.80 15.67 -22.08
C GLU A 16 -3.79 16.45 -21.24
N THR A 17 -4.06 17.72 -21.06
CA THR A 17 -3.21 18.61 -20.27
C THR A 17 -4.03 19.00 -19.05
N VAL A 18 -3.57 18.55 -17.88
CA VAL A 18 -4.26 18.84 -16.63
C VAL A 18 -3.36 19.68 -15.74
N THR A 19 -3.97 20.54 -14.93
CA THR A 19 -3.23 21.41 -14.04
C THR A 19 -3.63 21.20 -12.59
N LEU A 20 -2.66 20.82 -11.76
CA LEU A 20 -2.93 20.62 -10.35
C LEU A 20 -2.49 21.86 -9.59
N THR A 21 -3.44 22.51 -8.95
CA THR A 21 -3.13 23.70 -8.18
C THR A 21 -2.85 23.30 -6.73
N CYS A 22 -2.48 24.28 -5.92
CA CYS A 22 -2.16 24.07 -4.52
C CYS A 22 -2.08 25.46 -3.90
N ARG A 23 -2.78 25.67 -2.79
CA ARG A 23 -2.73 26.98 -2.12
C ARG A 23 -2.58 26.87 -0.61
N SER A 24 -2.44 28.01 0.05
CA SER A 24 -2.26 28.01 1.49
C SER A 24 -3.24 28.89 2.24
N SER A 25 -3.34 28.64 3.55
CA SER A 25 -4.20 29.42 4.42
C SER A 25 -3.47 30.70 4.80
N SER A 26 -2.15 30.70 4.67
CA SER A 26 -1.34 31.87 5.01
C SER A 26 -1.64 33.02 4.04
N GLY A 27 -1.88 32.69 2.78
CA GLY A 27 -2.17 33.70 1.78
C GLY A 27 -1.62 33.32 0.42
N ALA A 28 -0.95 34.27 -0.22
CA ALA A 28 -0.36 34.05 -1.53
C ALA A 28 0.93 33.21 -1.43
N ILE A 29 1.15 32.40 -2.45
CA ILE A 29 2.31 31.56 -2.52
C ILE A 29 3.34 32.21 -3.43
N THR A 30 4.48 32.56 -2.85
CA THR A 30 5.55 33.19 -3.59
C THR A 30 6.64 32.15 -3.80
N THR A 31 7.81 32.60 -4.26
CA THR A 31 8.96 31.71 -4.48
C THR A 31 9.58 31.27 -3.16
N SER A 32 9.48 32.12 -2.15
CA SER A 32 10.05 31.81 -0.83
C SER A 32 9.23 30.73 -0.11
N HIS A 33 8.45 29.96 -0.88
CA HIS A 33 7.65 28.87 -0.37
C HIS A 33 8.24 27.56 -0.87
N TYR A 34 9.11 27.67 -1.86
CA TYR A 34 9.81 26.54 -2.42
C TYR A 34 8.90 25.32 -2.55
N ALA A 35 7.84 25.47 -3.32
CA ALA A 35 6.89 24.38 -3.52
C ALA A 35 7.60 23.14 -4.09
N ASN A 36 7.23 21.97 -3.58
CA ASN A 36 7.80 20.68 -3.99
C ASN A 36 6.63 19.83 -4.46
N TRP A 37 6.79 19.15 -5.58
CA TRP A 37 5.75 18.28 -6.09
C TRP A 37 6.22 16.85 -6.01
N ILE A 38 5.59 16.09 -5.12
CA ILE A 38 5.90 14.69 -4.87
C ILE A 38 4.81 13.81 -5.48
N GLN A 39 5.21 12.82 -6.26
CA GLN A 39 4.26 11.91 -6.86
C GLN A 39 4.32 10.67 -6.02
N GLU A 40 3.16 10.22 -5.55
CA GLU A 40 3.09 9.02 -4.73
C GLU A 40 2.36 7.93 -5.47
N LYS A 41 2.99 6.76 -5.52
CA LYS A 41 2.44 5.60 -6.18
C LYS A 41 2.19 4.56 -5.10
N PRO A 42 1.31 3.58 -5.37
CA PRO A 42 0.96 2.49 -4.46
C PRO A 42 2.10 1.90 -3.63
N ASP A 43 1.82 1.69 -2.35
CA ASP A 43 2.75 1.15 -1.37
C ASP A 43 3.75 2.19 -0.84
N HIS A 44 3.33 3.46 -0.84
CA HIS A 44 4.15 4.57 -0.35
C HIS A 44 5.34 4.84 -1.26
N LEU A 45 5.12 4.66 -2.56
CA LEU A 45 6.17 4.87 -3.54
C LEU A 45 6.24 6.34 -3.90
N PHE A 46 7.14 7.05 -3.24
CA PHE A 46 7.30 8.47 -3.50
C PHE A 46 8.39 8.76 -4.53
N THR A 47 8.11 9.74 -5.37
CA THR A 47 9.05 10.16 -6.40
C THR A 47 8.96 11.69 -6.47
N GLY A 48 10.10 12.36 -6.38
CA GLY A 48 10.12 13.80 -6.43
C GLY A 48 10.05 14.27 -7.87
N LEU A 49 9.12 15.20 -8.11
CA LEU A 49 8.95 15.76 -9.44
C LEU A 49 9.56 17.16 -9.49
N ILE A 50 8.89 18.13 -8.89
CA ILE A 50 9.37 19.51 -8.90
C ILE A 50 9.83 19.92 -7.50
N SER A 51 10.67 20.95 -7.43
CA SER A 51 11.15 21.48 -6.14
C SER A 51 11.50 22.95 -6.38
N GLY A 52 11.52 23.75 -5.33
CA GLY A 52 11.83 25.17 -5.48
C GLY A 52 10.90 25.90 -6.43
N THR A 53 9.68 25.39 -6.54
CA THR A 53 8.61 25.95 -7.39
C THR A 53 8.55 25.42 -8.83
N ASN A 54 9.69 25.20 -9.47
CA ASN A 54 9.68 24.68 -10.84
C ASN A 54 10.92 23.94 -11.31
N ASN A 55 11.75 23.48 -10.37
CA ASN A 55 12.98 22.75 -10.70
C ASN A 55 12.76 21.25 -10.82
N ARG A 56 12.63 20.76 -12.06
CA ARG A 56 12.42 19.34 -12.32
C ARG A 56 13.52 18.53 -11.65
N ALA A 57 13.12 17.45 -11.01
CA ALA A 57 14.04 16.55 -10.31
C ALA A 57 14.91 15.80 -11.31
N PRO A 58 15.99 15.16 -10.84
CA PRO A 58 16.87 14.41 -11.73
C PRO A 58 16.17 13.25 -12.45
N GLY A 59 15.97 13.41 -13.76
CA GLY A 59 15.35 12.37 -14.56
C GLY A 59 13.84 12.25 -14.46
N VAL A 60 13.13 13.28 -14.91
CA VAL A 60 11.68 13.29 -14.92
C VAL A 60 11.27 13.89 -16.25
N PRO A 61 10.43 13.18 -17.03
CA PRO A 61 9.97 13.67 -18.34
C PRO A 61 9.37 15.08 -18.29
N ALA A 62 9.98 15.95 -19.08
CA ALA A 62 9.60 17.35 -19.19
C ALA A 62 8.12 17.71 -19.30
N ARG A 63 7.24 16.72 -19.38
CA ARG A 63 5.83 17.06 -19.46
C ARG A 63 5.35 17.52 -18.08
N PHE A 64 6.23 17.39 -17.09
CA PHE A 64 5.94 17.82 -15.72
C PHE A 64 6.62 19.15 -15.42
N SER A 65 5.87 20.24 -15.50
CA SER A 65 6.40 21.57 -15.24
C SER A 65 5.74 22.25 -14.04
N GLY A 66 6.57 22.84 -13.19
CA GLY A 66 6.06 23.52 -12.02
C GLY A 66 5.99 25.00 -12.32
N SER A 67 5.00 25.69 -11.79
CA SER A 67 4.83 27.11 -12.03
C SER A 67 3.91 27.74 -11.01
N LEU A 68 3.99 29.05 -10.86
CA LEU A 68 3.12 29.75 -9.93
C LEU A 68 2.01 30.37 -10.76
N ILE A 69 0.77 30.10 -10.38
CA ILE A 69 -0.39 30.63 -11.06
C ILE A 69 -1.15 31.50 -10.07
N GLY A 70 -1.04 32.82 -10.24
CA GLY A 70 -1.71 33.74 -9.36
C GLY A 70 -1.08 33.68 -7.98
N ASP A 71 -1.83 33.13 -7.03
CA ASP A 71 -1.36 33.01 -5.66
C ASP A 71 -1.33 31.52 -5.28
N LYS A 72 -1.37 30.68 -6.31
CA LYS A 72 -1.34 29.25 -6.10
C LYS A 72 -0.18 28.70 -6.91
N ALA A 73 0.27 27.50 -6.57
CA ALA A 73 1.35 26.86 -7.31
C ALA A 73 0.61 25.99 -8.32
N ALA A 74 1.35 25.38 -9.25
CA ALA A 74 0.68 24.55 -10.24
C ALA A 74 1.60 23.55 -10.92
N LEU A 75 1.24 22.27 -10.82
CA LEU A 75 2.00 21.22 -11.48
C LEU A 75 1.24 20.97 -12.75
N THR A 76 1.91 21.11 -13.89
CA THR A 76 1.27 20.90 -15.18
C THR A 76 1.76 19.64 -15.87
N ILE A 77 0.83 18.76 -16.19
CA ILE A 77 1.14 17.54 -16.90
C ILE A 77 0.53 17.72 -18.28
N THR A 78 1.39 17.90 -19.28
CA THR A 78 0.94 18.06 -20.65
C THR A 78 1.25 16.79 -21.42
N GLY A 79 0.21 16.04 -21.76
CA GLY A 79 0.40 14.79 -22.48
C GLY A 79 0.52 13.69 -21.45
N ALA A 80 -0.53 13.55 -20.65
CA ALA A 80 -0.58 12.55 -19.59
C ALA A 80 -0.52 11.11 -20.10
N GLN A 81 0.60 10.46 -19.85
CA GLN A 81 0.78 9.05 -20.23
C GLN A 81 -0.03 8.35 -19.14
N THR A 82 -0.64 7.22 -19.46
CA THR A 82 -1.44 6.49 -18.48
C THR A 82 -0.69 6.30 -17.15
N GLU A 83 0.61 6.08 -17.24
CA GLU A 83 1.45 5.88 -16.07
C GLU A 83 1.50 7.07 -15.08
N ASP A 84 0.86 8.18 -15.43
CA ASP A 84 0.82 9.37 -14.58
C ASP A 84 -0.35 9.33 -13.63
N GLU A 85 -0.97 8.17 -13.51
CA GLU A 85 -2.09 8.04 -12.61
C GLU A 85 -1.41 7.76 -11.27
N ALA A 86 -1.59 8.67 -10.32
CA ALA A 86 -1.01 8.55 -8.99
C ALA A 86 -1.49 9.74 -8.20
N ILE A 87 -0.91 9.94 -7.03
CA ILE A 87 -1.28 11.06 -6.21
C ILE A 87 -0.16 12.10 -6.28
N TYR A 88 -0.55 13.36 -6.28
CA TYR A 88 0.39 14.46 -6.34
C TYR A 88 0.20 15.35 -5.13
N ILE A 89 1.26 15.48 -4.35
CA ILE A 89 1.25 16.26 -3.13
C ILE A 89 2.11 17.51 -3.34
N CYS A 90 1.67 18.65 -2.83
CA CYS A 90 2.50 19.86 -2.95
C CYS A 90 2.93 20.15 -1.51
N ALA A 91 4.20 20.42 -1.32
CA ALA A 91 4.71 20.73 0.01
C ALA A 91 5.13 22.17 -0.04
N LEU A 92 4.87 22.91 1.03
CA LEU A 92 5.25 24.31 1.09
C LEU A 92 6.12 24.50 2.32
N TRP A 93 7.19 25.26 2.15
CA TRP A 93 8.10 25.56 3.22
C TRP A 93 7.53 26.69 4.06
N PHE A 94 7.27 26.42 5.34
CA PHE A 94 6.77 27.41 6.28
C PHE A 94 7.79 27.49 7.38
N SER A 95 8.83 28.28 7.09
CA SER A 95 10.00 28.54 7.94
C SER A 95 10.30 27.47 8.99
N ASN A 96 11.42 26.79 8.80
CA ASN A 96 11.87 25.72 9.70
C ASN A 96 11.28 24.31 9.45
N GLN A 97 10.25 24.21 8.61
CA GLN A 97 9.64 22.92 8.25
C GLN A 97 8.72 22.96 7.02
N PHE A 98 8.41 21.80 6.46
CA PHE A 98 7.52 21.72 5.31
C PHE A 98 6.10 21.40 5.78
N ILE A 99 5.11 21.84 5.01
CA ILE A 99 3.72 21.55 5.30
C ILE A 99 3.16 20.97 4.01
N PHE A 100 2.66 19.73 4.08
CA PHE A 100 2.14 18.99 2.93
C PHE A 100 0.66 19.09 2.65
N GLY A 101 0.33 19.16 1.36
CA GLY A 101 -1.05 19.19 0.96
C GLY A 101 -1.55 17.77 1.15
N SER A 102 -2.87 17.60 1.18
CA SER A 102 -3.47 16.27 1.37
C SER A 102 -3.19 15.30 0.21
N GLY A 103 -3.19 15.82 -1.03
CA GLY A 103 -2.92 15.00 -2.19
C GLY A 103 -3.99 15.16 -3.25
N THR A 104 -3.63 14.91 -4.50
CA THR A 104 -4.55 14.98 -5.62
C THR A 104 -4.44 13.66 -6.39
N LYS A 105 -5.49 12.86 -6.29
CA LYS A 105 -5.57 11.56 -6.94
C LYS A 105 -5.95 11.79 -8.39
N VAL A 106 -4.96 11.86 -9.27
CA VAL A 106 -5.22 12.08 -10.67
C VAL A 106 -5.52 10.77 -11.38
N THR A 107 -6.72 10.68 -11.95
CA THR A 107 -7.19 9.49 -12.66
C THR A 107 -7.23 9.64 -14.17
N VAL A 108 -6.23 9.09 -14.85
CA VAL A 108 -6.12 9.11 -16.31
C VAL A 108 -6.80 7.85 -16.85
N LYS A 113 -10.35 -0.61 -20.55
CA LYS A 113 -11.57 -1.10 -19.88
C LYS A 113 -11.48 -2.63 -19.84
N SER A 114 -12.35 -3.28 -19.07
CA SER A 114 -12.37 -4.75 -18.98
C SER A 114 -13.39 -5.27 -17.95
N SER A 115 -13.98 -6.43 -18.24
CA SER A 115 -14.96 -7.05 -17.35
C SER A 115 -14.26 -8.04 -16.42
N PRO A 116 -14.73 -8.14 -15.16
CA PRO A 116 -14.16 -9.04 -14.14
C PRO A 116 -14.39 -10.57 -14.22
N SER A 117 -13.43 -11.31 -13.67
CA SER A 117 -13.46 -12.77 -13.58
C SER A 117 -13.67 -13.07 -12.12
N VAL A 118 -14.72 -13.82 -11.79
CA VAL A 118 -15.00 -14.14 -10.39
C VAL A 118 -14.47 -15.57 -10.14
N THR A 119 -13.90 -15.81 -8.96
CA THR A 119 -13.34 -17.11 -8.59
C THR A 119 -13.80 -17.47 -7.14
N LEU A 120 -14.73 -18.41 -7.00
CA LEU A 120 -15.24 -18.78 -5.67
C LEU A 120 -14.49 -20.01 -5.10
N PHE A 121 -14.38 -20.08 -3.78
CA PHE A 121 -13.71 -21.20 -3.09
C PHE A 121 -14.59 -21.56 -1.90
N PRO A 122 -14.92 -22.85 -1.73
CA PRO A 122 -15.74 -23.27 -0.60
C PRO A 122 -14.81 -23.35 0.60
N PRO A 123 -15.33 -23.21 1.82
CA PRO A 123 -14.49 -23.27 3.02
C PRO A 123 -13.62 -24.52 3.15
N SER A 124 -12.46 -24.34 3.76
CA SER A 124 -11.54 -25.46 3.96
C SER A 124 -12.09 -26.34 5.07
N SER A 125 -11.77 -27.63 4.99
CA SER A 125 -12.23 -28.61 5.96
C SER A 125 -11.75 -28.32 7.40
N GLU A 126 -10.47 -28.01 7.57
CA GLU A 126 -9.93 -27.70 8.91
C GLU A 126 -10.60 -26.50 9.53
N GLU A 127 -11.21 -25.66 8.71
CA GLU A 127 -11.87 -24.48 9.22
C GLU A 127 -13.29 -24.82 9.61
N LEU A 128 -13.93 -25.69 8.85
CA LEU A 128 -15.29 -26.10 9.17
C LEU A 128 -15.28 -26.79 10.51
N GLU A 129 -14.25 -27.61 10.69
CA GLU A 129 -14.03 -28.35 11.92
C GLU A 129 -14.01 -27.40 13.14
N THR A 130 -13.64 -26.14 12.93
CA THR A 130 -13.60 -25.16 14.01
C THR A 130 -14.93 -24.40 14.10
N ASN A 131 -15.98 -25.01 13.55
CA ASN A 131 -17.31 -24.43 13.54
C ASN A 131 -17.42 -23.15 12.74
N LYS A 132 -16.42 -22.87 11.92
CA LYS A 132 -16.40 -21.66 11.10
C LYS A 132 -16.23 -22.01 9.63
N ALA A 133 -16.57 -21.07 8.76
CA ALA A 133 -16.47 -21.30 7.32
C ALA A 133 -16.41 -20.01 6.49
N THR A 134 -15.27 -19.75 5.86
CA THR A 134 -15.09 -18.55 5.04
C THR A 134 -15.08 -18.86 3.54
N LEU A 135 -16.04 -18.26 2.85
CA LEU A 135 -16.17 -18.38 1.40
C LEU A 135 -15.29 -17.27 0.85
N VAL A 136 -14.41 -17.59 -0.09
CA VAL A 136 -13.53 -16.60 -0.68
C VAL A 136 -13.85 -16.40 -2.13
N CYS A 137 -14.19 -15.17 -2.50
CA CYS A 137 -14.52 -14.84 -3.89
C CYS A 137 -13.46 -13.87 -4.41
N THR A 138 -12.54 -14.34 -5.26
CA THR A 138 -11.48 -13.48 -5.80
C THR A 138 -11.84 -12.93 -7.20
N ILE A 139 -11.89 -11.60 -7.28
CA ILE A 139 -12.23 -10.90 -8.52
C ILE A 139 -10.96 -10.45 -9.23
N THR A 140 -10.77 -10.93 -10.45
CA THR A 140 -9.59 -10.60 -11.23
C THR A 140 -9.94 -9.91 -12.55
N ASP A 141 -8.93 -9.33 -13.19
CA ASP A 141 -9.05 -8.69 -14.50
C ASP A 141 -10.09 -7.60 -14.73
N PHE A 142 -10.32 -6.71 -13.78
CA PHE A 142 -11.28 -5.65 -14.04
C PHE A 142 -10.56 -4.33 -14.22
N TYR A 143 -11.13 -3.46 -15.06
CA TYR A 143 -10.60 -2.12 -15.32
C TYR A 143 -11.77 -1.28 -15.80
N PRO A 144 -12.00 -0.10 -15.19
CA PRO A 144 -11.24 0.52 -14.10
C PRO A 144 -11.47 -0.20 -12.79
N GLY A 145 -10.50 -0.10 -11.89
CA GLY A 145 -10.63 -0.76 -10.61
C GLY A 145 -11.66 -0.09 -9.74
N VAL A 146 -12.90 -0.51 -9.90
CA VAL A 146 -13.99 0.06 -9.12
C VAL A 146 -15.18 -0.87 -9.24
N VAL A 147 -15.39 -1.69 -8.22
CA VAL A 147 -16.48 -2.65 -8.22
C VAL A 147 -17.29 -2.60 -6.95
N THR A 148 -18.44 -3.27 -6.98
CA THR A 148 -19.32 -3.32 -5.84
C THR A 148 -19.68 -4.78 -5.72
N VAL A 149 -19.01 -5.50 -4.82
CA VAL A 149 -19.28 -6.92 -4.63
C VAL A 149 -20.31 -7.18 -3.52
N ASP A 150 -21.40 -7.83 -3.90
CA ASP A 150 -22.48 -8.20 -2.97
C ASP A 150 -22.54 -9.72 -2.93
N TRP A 151 -23.21 -10.26 -1.93
CA TRP A 151 -23.33 -11.70 -1.81
C TRP A 151 -24.80 -12.07 -1.77
N LYS A 152 -25.09 -13.34 -2.00
CA LYS A 152 -26.46 -13.80 -1.97
C LYS A 152 -26.47 -15.25 -1.56
N VAL A 153 -27.37 -15.58 -0.65
CA VAL A 153 -27.50 -16.95 -0.20
C VAL A 153 -28.89 -17.36 -0.66
N ASP A 154 -28.99 -18.45 -1.40
CA ASP A 154 -30.29 -18.93 -1.89
C ASP A 154 -31.00 -17.89 -2.76
N GLY A 155 -30.28 -16.83 -3.14
CA GLY A 155 -30.88 -15.77 -3.94
C GLY A 155 -31.20 -14.54 -3.12
N THR A 156 -31.15 -14.72 -1.80
CA THR A 156 -31.42 -13.66 -0.84
C THR A 156 -30.11 -12.95 -0.48
N PRO A 157 -30.06 -11.62 -0.67
CA PRO A 157 -28.88 -10.83 -0.37
C PRO A 157 -28.45 -10.96 1.09
N VAL A 158 -27.13 -11.05 1.31
CA VAL A 158 -26.56 -11.15 2.65
C VAL A 158 -25.88 -9.82 2.92
N THR A 159 -25.91 -9.37 4.18
CA THR A 159 -25.31 -8.09 4.53
C THR A 159 -24.18 -8.22 5.55
N GLN A 160 -24.47 -8.82 6.70
CA GLN A 160 -23.46 -8.96 7.72
C GLN A 160 -22.57 -10.17 7.47
N GLY A 161 -21.26 -9.95 7.55
CA GLY A 161 -20.33 -11.02 7.35
C GLY A 161 -19.38 -10.81 6.19
N MET A 162 -19.84 -10.10 5.16
CA MET A 162 -19.00 -9.87 3.98
C MET A 162 -17.90 -8.86 4.27
N GLU A 163 -16.69 -9.18 3.84
CA GLU A 163 -15.50 -8.35 4.01
C GLU A 163 -14.81 -8.24 2.64
N THR A 164 -14.86 -7.08 2.03
CA THR A 164 -14.27 -6.89 0.73
C THR A 164 -13.07 -5.94 0.83
N THR A 165 -11.99 -6.27 0.14
CA THR A 165 -10.77 -5.47 0.14
C THR A 165 -10.77 -4.35 -0.89
N GLN A 166 -9.71 -3.52 -0.81
CA GLN A 166 -9.52 -2.41 -1.73
C GLN A 166 -8.94 -2.96 -3.02
N PRO A 167 -9.35 -2.38 -4.15
CA PRO A 167 -8.84 -2.83 -5.45
C PRO A 167 -7.36 -2.53 -5.68
N SER A 168 -6.55 -3.56 -5.80
CA SER A 168 -5.12 -3.39 -6.05
C SER A 168 -4.87 -3.44 -7.55
N LYS A 169 -4.03 -2.52 -8.01
CA LYS A 169 -3.69 -2.46 -9.42
C LYS A 169 -2.62 -3.52 -9.67
N GLN A 170 -2.96 -4.58 -10.38
CA GLN A 170 -1.97 -5.60 -10.69
C GLN A 170 -1.06 -4.87 -11.68
N SER A 171 0.20 -5.23 -11.72
CA SER A 171 1.15 -4.60 -12.63
C SER A 171 0.58 -4.38 -14.04
N ASN A 172 -0.20 -5.35 -14.51
CA ASN A 172 -0.81 -5.34 -15.84
C ASN A 172 -1.78 -4.20 -16.19
N ASN A 173 -1.85 -3.18 -15.34
CA ASN A 173 -2.76 -2.07 -15.57
C ASN A 173 -4.17 -2.63 -15.64
N LYS A 174 -4.50 -3.39 -14.60
CA LYS A 174 -5.79 -4.06 -14.39
C LYS A 174 -5.84 -4.20 -12.88
N TYR A 175 -7.02 -4.48 -12.33
CA TYR A 175 -7.10 -4.61 -10.89
C TYR A 175 -7.57 -5.96 -10.43
N MET A 176 -7.55 -6.15 -9.11
CA MET A 176 -7.96 -7.38 -8.46
C MET A 176 -8.40 -7.01 -7.06
N ALA A 177 -9.19 -7.86 -6.43
CA ALA A 177 -9.69 -7.62 -5.07
C ALA A 177 -10.16 -8.95 -4.53
N SER A 178 -10.55 -9.00 -3.27
CA SER A 178 -11.03 -10.24 -2.70
C SER A 178 -12.07 -9.99 -1.64
N SER A 179 -13.22 -10.63 -1.77
CA SER A 179 -14.29 -10.50 -0.80
C SER A 179 -14.36 -11.80 0.00
N TYR A 180 -14.88 -11.71 1.22
CA TYR A 180 -15.03 -12.87 2.09
C TYR A 180 -16.40 -12.83 2.72
N LEU A 181 -16.98 -13.99 2.98
CA LEU A 181 -18.27 -14.05 3.65
C LEU A 181 -17.95 -15.01 4.75
N THR A 182 -17.91 -14.51 5.97
CA THR A 182 -17.60 -15.35 7.10
C THR A 182 -18.89 -15.91 7.68
N LEU A 183 -19.03 -17.23 7.56
CA LEU A 183 -20.21 -17.95 8.04
C LEU A 183 -19.77 -18.95 9.09
N THR A 184 -20.72 -19.69 9.65
CA THR A 184 -20.45 -20.74 10.63
C THR A 184 -20.54 -22.11 9.95
N ALA A 185 -19.91 -23.12 10.56
CA ALA A 185 -19.96 -24.47 10.00
C ALA A 185 -21.41 -24.79 9.69
N ARG A 186 -22.27 -24.44 10.63
CA ARG A 186 -23.72 -24.66 10.53
C ARG A 186 -24.38 -24.02 9.30
N ALA A 187 -24.26 -22.70 9.17
CA ALA A 187 -24.86 -21.94 8.08
C ALA A 187 -24.44 -22.43 6.69
N TRP A 188 -23.16 -22.73 6.53
CA TRP A 188 -22.65 -23.20 5.26
C TRP A 188 -23.47 -24.40 4.78
N GLU A 189 -23.53 -25.42 5.62
CA GLU A 189 -24.28 -26.62 5.29
C GLU A 189 -25.78 -26.33 5.19
N ARG A 190 -26.24 -25.40 6.02
CA ARG A 190 -27.65 -25.03 6.06
C ARG A 190 -28.27 -24.55 4.74
N HIS A 191 -27.49 -23.92 3.87
CA HIS A 191 -28.09 -23.41 2.64
C HIS A 191 -27.96 -24.22 1.37
N SER A 192 -28.56 -23.70 0.31
CA SER A 192 -28.52 -24.34 -0.99
C SER A 192 -27.32 -23.77 -1.74
N SER A 193 -27.43 -22.51 -2.17
CA SER A 193 -26.34 -21.87 -2.90
C SER A 193 -25.77 -20.67 -2.17
N TYR A 194 -24.63 -20.21 -2.69
CA TYR A 194 -23.94 -19.04 -2.19
C TYR A 194 -23.43 -18.38 -3.44
N SER A 195 -23.91 -17.17 -3.65
CA SER A 195 -23.61 -16.39 -4.82
C SER A 195 -22.73 -15.17 -4.51
N CYS A 196 -21.66 -14.99 -5.29
CA CYS A 196 -20.78 -13.84 -5.13
C CYS A 196 -21.08 -12.98 -6.32
N GLN A 197 -21.67 -11.83 -6.09
CA GLN A 197 -22.01 -10.94 -7.18
C GLN A 197 -21.12 -9.72 -7.17
N VAL A 198 -20.76 -9.24 -8.34
CA VAL A 198 -19.90 -8.09 -8.50
C VAL A 198 -20.53 -7.22 -9.57
N THR A 199 -20.61 -5.92 -9.32
CA THR A 199 -21.18 -5.03 -10.31
C THR A 199 -20.07 -4.12 -10.79
N HIS A 200 -19.90 -4.06 -12.10
CA HIS A 200 -18.85 -3.27 -12.69
C HIS A 200 -19.32 -2.58 -13.94
N GLU A 201 -19.39 -1.26 -13.90
CA GLU A 201 -19.80 -0.46 -15.06
C GLU A 201 -21.20 -0.75 -15.61
N GLY A 202 -22.18 -0.84 -14.72
CA GLY A 202 -23.54 -1.09 -15.19
C GLY A 202 -23.92 -2.53 -15.41
N HIS A 203 -22.94 -3.39 -15.63
CA HIS A 203 -23.26 -4.78 -15.84
C HIS A 203 -22.73 -5.70 -14.76
N THR A 204 -23.62 -6.59 -14.31
CA THR A 204 -23.33 -7.53 -13.25
C THR A 204 -22.77 -8.86 -13.72
N VAL A 205 -22.02 -9.51 -12.85
CA VAL A 205 -21.42 -10.79 -13.12
C VAL A 205 -21.54 -11.56 -11.82
N GLU A 206 -22.02 -12.79 -11.86
CA GLU A 206 -22.12 -13.55 -10.64
C GLU A 206 -21.81 -15.01 -10.83
N LYS A 207 -21.22 -15.60 -9.81
CA LYS A 207 -20.80 -16.99 -9.82
C LYS A 207 -21.28 -17.58 -8.48
N SER A 208 -21.74 -18.84 -8.49
CA SER A 208 -22.23 -19.47 -7.27
C SER A 208 -21.65 -20.87 -6.98
N LEU A 209 -21.93 -21.39 -5.81
CA LEU A 209 -21.48 -22.71 -5.39
C LEU A 209 -22.49 -23.26 -4.38
N SER A 210 -22.51 -24.60 -4.21
CA SER A 210 -23.41 -25.29 -3.27
C SER A 210 -22.66 -26.29 -2.35
N GLU B 1 21.10 3.77 -9.38
CA GLU B 1 22.19 3.53 -8.40
C GLU B 1 22.04 4.32 -7.09
N VAL B 2 21.19 5.36 -7.09
CA VAL B 2 20.95 6.13 -5.86
C VAL B 2 19.85 5.40 -5.10
N GLN B 3 20.11 5.04 -3.85
CA GLN B 3 19.10 4.35 -3.08
C GLN B 3 19.24 4.55 -1.59
N LEU B 4 18.08 4.73 -0.96
CA LEU B 4 17.94 4.92 0.48
C LEU B 4 17.07 3.72 0.86
N GLN B 5 17.60 2.82 1.69
CA GLN B 5 16.84 1.66 2.10
C GLN B 5 16.57 1.76 3.58
N GLN B 6 15.33 1.47 3.98
CA GLN B 6 14.92 1.57 5.37
C GLN B 6 14.72 0.23 6.05
N SER B 7 14.69 0.25 7.39
CA SER B 7 14.50 -0.97 8.15
C SER B 7 13.11 -1.55 7.91
N GLY B 8 12.90 -2.76 8.44
CA GLY B 8 11.62 -3.42 8.27
C GLY B 8 10.57 -3.00 9.29
N ALA B 9 9.32 -3.35 8.98
CA ALA B 9 8.20 -3.03 9.85
C ALA B 9 8.49 -3.41 11.30
N GLU B 10 8.11 -2.51 12.21
CA GLU B 10 8.34 -2.69 13.63
C GLU B 10 7.04 -2.74 14.44
N LEU B 11 7.06 -3.47 15.54
CA LEU B 11 5.90 -3.55 16.43
C LEU B 11 6.43 -3.08 17.77
N ALA B 12 5.91 -1.95 18.26
CA ALA B 12 6.35 -1.36 19.52
C ALA B 12 5.19 -1.30 20.47
N ARG B 13 5.44 -1.60 21.73
CA ARG B 13 4.40 -1.54 22.75
C ARG B 13 4.31 -0.07 23.11
N PRO B 14 3.17 0.37 23.66
CA PRO B 14 3.07 1.78 24.01
C PRO B 14 4.05 2.15 25.13
N GLY B 15 4.45 3.42 25.18
CA GLY B 15 5.40 3.87 26.19
C GLY B 15 6.82 3.41 25.88
N ALA B 16 7.02 2.82 24.70
CA ALA B 16 8.32 2.34 24.29
C ALA B 16 9.02 3.22 23.26
N SER B 17 10.20 2.78 22.82
CA SER B 17 11.02 3.53 21.86
C SER B 17 11.41 2.69 20.64
N VAL B 18 11.55 3.35 19.48
CA VAL B 18 11.96 2.70 18.22
C VAL B 18 13.12 3.44 17.53
N LYS B 19 14.06 2.66 17.03
CA LYS B 19 15.22 3.20 16.35
C LYS B 19 15.16 2.64 14.94
N LEU B 20 14.62 3.44 14.04
CA LEU B 20 14.55 3.04 12.64
C LEU B 20 15.90 3.44 12.02
N SER B 21 16.24 2.87 10.87
CA SER B 21 17.47 3.21 10.18
C SER B 21 17.17 3.42 8.70
N CYS B 22 17.98 4.22 8.02
CA CYS B 22 17.78 4.50 6.60
C CYS B 22 19.19 4.56 6.05
N ARG B 23 19.63 3.48 5.41
CA ARG B 23 20.98 3.44 4.85
C ARG B 23 20.97 3.98 3.43
N THR B 24 22.05 4.67 3.07
CA THR B 24 22.15 5.28 1.75
C THR B 24 23.31 4.73 0.94
N SER B 25 23.20 4.86 -0.38
CA SER B 25 24.24 4.40 -1.30
C SER B 25 24.05 5.11 -2.64
N GLY B 26 25.11 5.13 -3.45
CA GLY B 26 25.02 5.78 -4.74
C GLY B 26 25.30 7.28 -4.72
N TYR B 27 25.76 7.79 -3.57
CA TYR B 27 26.07 9.20 -3.44
C TYR B 27 26.85 9.55 -2.17
N SER B 28 27.35 10.78 -2.12
CA SER B 28 28.11 11.24 -0.98
C SER B 28 27.16 11.44 0.19
N PHE B 29 27.28 10.56 1.18
CA PHE B 29 26.44 10.60 2.38
C PHE B 29 26.51 11.94 3.09
N THR B 30 27.72 12.47 3.25
CA THR B 30 27.93 13.72 3.96
C THR B 30 27.77 15.05 3.21
N THR B 31 27.09 15.04 2.07
CA THR B 31 26.90 16.29 1.34
C THR B 31 25.42 16.60 1.13
N TYR B 32 24.57 15.64 1.49
CA TYR B 32 23.12 15.79 1.36
C TYR B 32 22.49 15.71 2.73
N TRP B 33 21.39 16.44 2.89
CA TRP B 33 20.63 16.43 4.14
C TRP B 33 19.74 15.19 4.18
N MET B 34 19.38 14.78 5.39
CA MET B 34 18.50 13.63 5.57
C MET B 34 17.25 14.10 6.34
N GLN B 35 16.12 14.07 5.67
CA GLN B 35 14.84 14.50 6.22
C GLN B 35 13.98 13.28 6.49
N TRP B 36 13.17 13.34 7.53
CA TRP B 36 12.27 12.25 7.87
C TRP B 36 10.87 12.82 7.90
N VAL B 37 9.92 12.02 7.45
CA VAL B 37 8.52 12.38 7.36
C VAL B 37 7.75 11.15 7.82
N ARG B 38 6.50 11.31 8.23
CA ARG B 38 5.70 10.16 8.66
C ARG B 38 4.30 10.42 8.19
N GLN B 39 3.53 9.35 8.03
CA GLN B 39 2.16 9.48 7.56
C GLN B 39 1.23 8.60 8.34
N ARG B 40 0.62 9.18 9.35
CA ARG B 40 -0.33 8.43 10.14
C ARG B 40 -1.45 8.06 9.19
N PRO B 41 -2.08 6.90 9.41
CA PRO B 41 -3.19 6.31 8.66
C PRO B 41 -3.96 7.18 7.68
N GLY B 42 -4.93 7.96 8.16
CA GLY B 42 -5.67 8.80 7.23
C GLY B 42 -5.36 10.25 7.51
N GLN B 43 -4.09 10.63 7.51
CA GLN B 43 -3.73 11.99 7.85
C GLN B 43 -2.93 12.88 6.94
N GLY B 44 -2.20 12.32 5.99
CA GLY B 44 -1.36 13.18 5.15
C GLY B 44 0.00 13.31 5.83
N LEU B 45 1.05 13.55 5.06
CA LEU B 45 2.39 13.64 5.59
C LEU B 45 2.71 14.74 6.63
N GLU B 46 3.52 14.39 7.62
CA GLU B 46 3.96 15.33 8.63
C GLU B 46 5.48 15.34 8.55
N TRP B 47 6.09 16.51 8.63
CA TRP B 47 7.55 16.64 8.62
C TRP B 47 8.02 16.40 10.06
N ILE B 48 9.00 15.53 10.24
CA ILE B 48 9.51 15.22 11.58
C ILE B 48 10.78 16.04 11.86
N ALA B 49 11.88 15.66 11.22
CA ALA B 49 13.15 16.34 11.47
C ALA B 49 14.07 16.21 10.29
N ALA B 50 15.30 16.68 10.47
CA ALA B 50 16.30 16.61 9.42
C ALA B 50 17.72 16.72 10.01
N ILE B 51 18.68 16.04 9.39
CA ILE B 51 20.06 16.06 9.85
C ILE B 51 21.06 16.13 8.71
N TYR B 52 22.10 16.93 8.87
CA TYR B 52 23.15 17.03 7.87
C TYR B 52 24.24 16.11 8.39
N PRO B 53 24.38 14.91 7.79
CA PRO B 53 25.35 13.90 8.19
C PRO B 53 26.78 14.37 8.32
N GLY B 54 27.18 15.30 7.47
CA GLY B 54 28.54 15.79 7.53
C GLY B 54 28.86 16.58 8.78
N ASP B 55 27.99 17.53 9.08
CA ASP B 55 28.14 18.42 10.21
C ASP B 55 27.53 17.86 11.49
N ASP B 56 26.55 16.97 11.31
CA ASP B 56 25.78 16.37 12.39
C ASP B 56 24.75 17.44 12.83
N ASP B 57 24.36 18.25 11.87
CA ASP B 57 23.41 19.33 12.07
C ASP B 57 21.99 18.76 12.07
N ALA B 58 21.41 18.60 13.25
CA ALA B 58 20.05 18.06 13.36
C ALA B 58 19.06 19.18 13.65
N ARG B 59 18.06 19.31 12.78
CA ARG B 59 17.03 20.34 12.92
C ARG B 59 15.65 19.71 12.99
N TYR B 60 14.95 19.98 14.09
CA TYR B 60 13.62 19.44 14.32
C TYR B 60 12.55 20.50 14.22
N THR B 61 11.34 20.08 14.53
CA THR B 61 10.14 20.92 14.56
C THR B 61 9.83 20.99 16.05
N GLN B 62 9.07 21.98 16.49
CA GLN B 62 8.73 22.10 17.93
C GLN B 62 8.04 20.86 18.47
N LYS B 63 7.18 20.29 17.64
CA LYS B 63 6.42 19.12 18.03
C LYS B 63 7.23 17.90 18.43
N PHE B 64 8.19 17.51 17.61
CA PHE B 64 8.99 16.33 17.90
C PHE B 64 10.28 16.60 18.64
N LYS B 65 10.57 17.86 18.94
CA LYS B 65 11.80 18.24 19.59
C LYS B 65 12.38 17.26 20.60
N GLY B 66 11.59 16.88 21.59
CA GLY B 66 12.14 15.97 22.58
C GLY B 66 11.98 14.47 22.37
N LYS B 67 11.11 14.07 21.44
CA LYS B 67 10.88 12.65 21.23
C LYS B 67 11.62 12.04 20.05
N ALA B 68 11.96 12.88 19.09
CA ALA B 68 12.67 12.37 17.94
C ALA B 68 14.14 12.75 18.09
N THR B 69 15.04 11.82 17.82
CA THR B 69 16.46 12.14 17.88
C THR B 69 17.19 11.43 16.74
N LEU B 70 17.62 12.21 15.74
CA LEU B 70 18.37 11.66 14.63
C LEU B 70 19.86 11.63 14.93
N THR B 71 20.52 10.58 14.45
CA THR B 71 21.95 10.39 14.60
C THR B 71 22.41 9.84 13.25
N ALA B 72 23.65 10.10 12.87
CA ALA B 72 24.17 9.64 11.60
C ALA B 72 25.46 8.89 11.84
N ASP B 73 25.63 7.78 11.12
CA ASP B 73 26.83 7.00 11.24
C ASP B 73 27.57 7.23 9.93
N ARG B 74 28.50 8.17 9.94
CA ARG B 74 29.28 8.55 8.76
C ARG B 74 30.02 7.38 8.11
N SER B 75 30.39 6.38 8.89
CA SER B 75 31.13 5.22 8.41
C SER B 75 30.28 4.20 7.70
N SER B 76 29.05 4.02 8.17
CA SER B 76 28.14 3.05 7.59
C SER B 76 27.08 3.62 6.63
N SER B 77 27.02 4.95 6.50
CA SER B 77 26.06 5.63 5.64
C SER B 77 24.62 5.47 6.12
N ILE B 78 24.45 5.34 7.42
CA ILE B 78 23.13 5.15 7.97
C ILE B 78 22.74 6.29 8.89
N VAL B 79 21.49 6.71 8.78
CA VAL B 79 20.94 7.76 9.61
C VAL B 79 19.90 7.04 10.45
N TYR B 80 19.87 7.31 11.75
CA TYR B 80 18.92 6.65 12.66
C TYR B 80 17.92 7.62 13.26
N LEU B 81 16.67 7.18 13.38
CA LEU B 81 15.62 7.99 13.99
C LEU B 81 15.12 7.30 15.25
N GLN B 82 15.47 7.85 16.40
CA GLN B 82 15.05 7.34 17.69
C GLN B 82 13.70 8.01 17.98
N LEU B 83 12.72 7.24 18.44
CA LEU B 83 11.43 7.81 18.78
C LEU B 83 11.07 7.25 20.13
N ASN B 84 10.85 8.10 21.12
CA ASN B 84 10.49 7.59 22.43
C ASN B 84 9.09 8.02 22.85
N SER B 85 8.62 7.49 23.99
CA SER B 85 7.28 7.79 24.49
C SER B 85 6.24 7.44 23.41
N LEU B 86 6.35 6.23 22.86
CA LEU B 86 5.45 5.77 21.82
C LEU B 86 3.98 5.70 22.22
N THR B 87 3.13 6.28 21.37
CA THR B 87 1.69 6.38 21.57
C THR B 87 0.98 5.66 20.43
N SER B 88 -0.32 5.43 20.57
CA SER B 88 -1.07 4.78 19.51
C SER B 88 -1.02 5.64 18.24
N GLU B 89 -1.17 6.95 18.41
CA GLU B 89 -1.16 7.86 17.27
C GLU B 89 0.20 8.00 16.58
N ASP B 90 1.20 7.30 17.07
CA ASP B 90 2.51 7.33 16.44
C ASP B 90 2.52 6.28 15.34
N SER B 91 1.59 5.33 15.40
CA SER B 91 1.48 4.29 14.38
C SER B 91 1.34 4.96 13.03
N ALA B 92 2.34 4.77 12.19
CA ALA B 92 2.35 5.37 10.87
C ALA B 92 3.52 4.81 10.07
N VAL B 93 3.63 5.24 8.81
CA VAL B 93 4.73 4.80 7.97
C VAL B 93 5.74 5.94 7.97
N TYR B 94 6.93 5.66 8.48
CA TYR B 94 8.00 6.65 8.53
C TYR B 94 8.89 6.50 7.30
N SER B 95 9.16 7.60 6.61
CA SER B 95 9.98 7.59 5.39
C SER B 95 11.15 8.59 5.53
N CYS B 96 12.22 8.37 4.75
CA CYS B 96 13.39 9.25 4.75
C CYS B 96 13.60 9.70 3.32
N SER B 97 14.03 10.95 3.12
CA SER B 97 14.32 11.45 1.78
C SER B 97 15.57 12.25 1.94
N ARG B 98 16.34 12.36 0.88
CA ARG B 98 17.57 13.14 0.95
C ARG B 98 17.27 14.48 0.31
N GLY B 99 18.12 15.45 0.58
CA GLY B 99 17.92 16.75 0.00
C GLY B 99 19.18 17.57 0.03
N ARG B 100 19.21 18.63 -0.77
CA ARG B 100 20.36 19.51 -0.86
C ARG B 100 20.05 20.94 -0.37
N SER B 101 18.93 21.49 -0.82
CA SER B 101 18.53 22.83 -0.44
C SER B 101 17.04 22.98 -0.70
N LEU B 102 16.50 24.14 -0.41
CA LEU B 102 15.07 24.36 -0.63
C LEU B 102 14.75 24.35 -2.09
N TYR B 103 15.77 24.36 -2.92
CA TYR B 103 15.57 24.34 -4.36
C TYR B 103 15.67 22.92 -4.84
N TYR B 104 16.33 22.07 -4.06
CA TYR B 104 16.51 20.67 -4.43
C TYR B 104 16.50 19.82 -3.19
N THR B 105 15.36 19.18 -2.93
CA THR B 105 15.20 18.28 -1.78
C THR B 105 14.08 17.32 -2.10
N MET B 106 14.00 16.24 -1.34
CA MET B 106 12.94 15.26 -1.51
C MET B 106 12.83 14.69 -2.92
N ASP B 107 13.98 14.39 -3.52
CA ASP B 107 14.02 13.81 -4.85
C ASP B 107 14.03 12.28 -4.74
N TYR B 108 14.92 11.73 -3.90
CA TYR B 108 14.99 10.29 -3.69
C TYR B 108 14.48 9.94 -2.30
N TRP B 109 13.51 9.03 -2.28
CA TRP B 109 12.85 8.58 -1.06
C TRP B 109 13.05 7.10 -0.72
N GLY B 110 12.96 6.80 0.56
CA GLY B 110 13.07 5.44 1.02
C GLY B 110 11.76 4.75 0.71
N GLN B 111 11.59 3.53 1.22
CA GLN B 111 10.36 2.78 0.95
C GLN B 111 9.32 3.01 2.05
N GLY B 112 9.83 3.36 3.23
CA GLY B 112 8.98 3.59 4.37
C GLY B 112 8.99 2.35 5.21
N THR B 113 9.17 2.52 6.51
CA THR B 113 9.17 1.42 7.43
C THR B 113 7.97 1.66 8.33
N SER B 114 7.01 0.75 8.29
CA SER B 114 5.79 0.87 9.09
C SER B 114 5.98 0.52 10.56
N VAL B 115 5.49 1.38 11.45
CA VAL B 115 5.57 1.14 12.88
C VAL B 115 4.17 1.01 13.43
N THR B 116 3.97 0.00 14.26
CA THR B 116 2.68 -0.25 14.87
C THR B 116 2.86 -0.32 16.39
N VAL B 117 2.23 0.62 17.10
CA VAL B 117 2.27 0.71 18.57
C VAL B 117 0.96 0.07 19.02
N THR B 122 0.31 -10.08 20.09
CA THR B 122 0.90 -10.71 18.91
C THR B 122 0.34 -12.10 18.63
N THR B 123 -0.56 -12.18 17.66
CA THR B 123 -1.19 -13.45 17.29
C THR B 123 -0.84 -13.91 15.86
N PRO B 124 -0.13 -15.05 15.72
CA PRO B 124 0.25 -15.56 14.41
C PRO B 124 -0.96 -16.03 13.61
N PRO B 125 -0.83 -16.13 12.27
CA PRO B 125 -1.94 -16.54 11.41
C PRO B 125 -2.29 -18.02 11.43
N SER B 126 -3.44 -18.33 10.89
CA SER B 126 -3.91 -19.69 10.78
C SER B 126 -4.11 -19.83 9.28
N VAL B 127 -3.31 -20.68 8.66
CA VAL B 127 -3.40 -20.89 7.21
C VAL B 127 -4.29 -22.09 6.87
N TYR B 128 -5.19 -21.90 5.92
CA TYR B 128 -6.09 -22.96 5.49
C TYR B 128 -5.90 -23.12 3.99
N PRO B 129 -5.72 -24.37 3.52
CA PRO B 129 -5.54 -24.61 2.09
C PRO B 129 -6.90 -24.57 1.38
N LEU B 130 -6.92 -23.93 0.20
CA LEU B 130 -8.14 -23.82 -0.58
C LEU B 130 -7.96 -24.67 -1.84
N ALA B 131 -8.62 -25.82 -1.85
CA ALA B 131 -8.57 -26.73 -2.97
C ALA B 131 -9.72 -26.36 -3.88
N PRO B 132 -9.49 -26.37 -5.20
CA PRO B 132 -10.39 -26.06 -6.30
C PRO B 132 -11.90 -25.99 -6.01
N GLY B 133 -12.38 -26.93 -5.21
CA GLY B 133 -13.80 -26.98 -4.90
C GLY B 133 -14.51 -27.59 -6.09
N SER B 134 -14.74 -26.79 -7.13
CA SER B 134 -15.39 -27.28 -8.34
C SER B 134 -14.35 -28.12 -9.10
N ALA B 135 -14.32 -29.42 -8.79
CA ALA B 135 -13.37 -30.37 -9.40
C ALA B 135 -13.40 -30.45 -10.93
N ALA B 136 -14.42 -29.86 -11.54
CA ALA B 136 -14.55 -29.87 -13.00
C ALA B 136 -13.66 -28.76 -13.58
N GLN B 137 -12.40 -29.09 -13.81
CA GLN B 137 -11.40 -28.16 -14.35
C GLN B 137 -11.97 -27.09 -15.29
N THR B 138 -11.71 -25.83 -14.96
CA THR B 138 -12.19 -24.69 -15.73
C THR B 138 -11.62 -24.68 -17.15
N ASN B 139 -10.44 -25.27 -17.31
CA ASN B 139 -9.78 -25.35 -18.60
C ASN B 139 -8.46 -26.09 -18.37
N SER B 140 -7.44 -25.74 -19.14
CA SER B 140 -6.13 -26.39 -19.00
C SER B 140 -5.44 -25.93 -17.71
N MET B 141 -6.07 -24.97 -17.03
CA MET B 141 -5.54 -24.41 -15.80
C MET B 141 -6.46 -24.59 -14.62
N VAL B 142 -5.86 -24.94 -13.48
CA VAL B 142 -6.56 -25.10 -12.21
C VAL B 142 -5.89 -24.12 -11.24
N THR B 143 -6.65 -23.62 -10.28
CA THR B 143 -6.09 -22.67 -9.32
C THR B 143 -6.31 -23.05 -7.87
N LEU B 144 -5.21 -23.00 -7.12
CA LEU B 144 -5.22 -23.31 -5.72
C LEU B 144 -5.03 -21.98 -4.99
N GLY B 145 -5.51 -21.91 -3.76
CA GLY B 145 -5.40 -20.70 -2.97
C GLY B 145 -5.01 -21.02 -1.55
N CYS B 146 -4.65 -20.00 -0.78
CA CYS B 146 -4.26 -20.18 0.61
C CYS B 146 -4.86 -19.06 1.43
N LEU B 147 -5.63 -19.42 2.44
CA LEU B 147 -6.28 -18.45 3.30
C LEU B 147 -5.45 -18.26 4.54
N VAL B 148 -4.93 -17.07 4.72
CA VAL B 148 -4.11 -16.76 5.89
C VAL B 148 -5.02 -15.97 6.84
N LYS B 149 -5.73 -16.69 7.70
CA LYS B 149 -6.71 -16.10 8.60
C LYS B 149 -6.33 -15.67 10.03
N GLY B 150 -6.95 -14.58 10.47
CA GLY B 150 -6.78 -14.03 11.80
C GLY B 150 -5.41 -13.83 12.42
N TYR B 151 -4.65 -12.86 11.92
CA TYR B 151 -3.32 -12.60 12.45
C TYR B 151 -3.09 -11.16 12.87
N PHE B 152 -2.02 -10.94 13.65
CA PHE B 152 -1.65 -9.61 14.14
C PHE B 152 -0.23 -9.61 14.68
N PRO B 153 0.60 -8.64 14.29
CA PRO B 153 0.27 -7.53 13.36
C PRO B 153 0.66 -7.79 11.91
N GLU B 154 0.59 -6.74 11.09
CA GLU B 154 0.99 -6.84 9.71
C GLU B 154 2.51 -6.89 9.76
N PRO B 155 3.13 -7.56 8.80
CA PRO B 155 2.48 -8.27 7.71
C PRO B 155 2.84 -9.75 7.76
N VAL B 156 2.54 -10.43 6.66
CA VAL B 156 2.84 -11.84 6.50
C VAL B 156 3.51 -11.88 5.15
N THR B 157 4.13 -13.00 4.85
CA THR B 157 4.82 -13.15 3.58
C THR B 157 4.45 -14.51 3.03
N VAL B 158 3.52 -14.52 2.08
CA VAL B 158 3.07 -15.76 1.46
C VAL B 158 3.99 -16.09 0.30
N SER B 159 4.28 -17.37 0.11
CA SER B 159 5.18 -17.79 -0.94
C SER B 159 4.67 -19.15 -1.39
N TRP B 160 4.87 -19.49 -2.66
CA TRP B 160 4.40 -20.78 -3.18
C TRP B 160 5.57 -21.63 -3.57
N ASN B 161 5.58 -22.85 -3.06
CA ASN B 161 6.66 -23.80 -3.33
C ASN B 161 8.00 -23.16 -2.98
N THR B 162 8.00 -22.36 -1.91
CA THR B 162 9.20 -21.68 -1.45
C THR B 162 9.84 -20.77 -2.51
N GLY B 163 9.02 -20.27 -3.43
CA GLY B 163 9.55 -19.38 -4.45
C GLY B 163 9.70 -20.03 -5.82
N SER B 164 9.70 -21.36 -5.86
CA SER B 164 9.83 -22.09 -7.12
C SER B 164 8.68 -21.66 -8.04
N LEU B 165 7.49 -21.60 -7.47
CA LEU B 165 6.30 -21.22 -8.19
C LEU B 165 6.09 -19.73 -8.00
N SER B 166 6.48 -18.95 -9.01
CA SER B 166 6.34 -17.50 -8.96
C SER B 166 5.45 -16.98 -10.08
N SER B 167 5.17 -17.86 -11.05
CA SER B 167 4.33 -17.49 -12.18
C SER B 167 2.85 -17.55 -11.82
N GLY B 168 2.18 -16.41 -11.97
CA GLY B 168 0.76 -16.35 -11.69
C GLY B 168 0.34 -16.43 -10.23
N VAL B 169 1.14 -15.84 -9.35
CA VAL B 169 0.83 -15.83 -7.93
C VAL B 169 0.15 -14.50 -7.59
N HIS B 170 -1.08 -14.58 -7.09
CA HIS B 170 -1.85 -13.39 -6.74
C HIS B 170 -2.08 -13.34 -5.24
N THR B 171 -1.38 -12.46 -4.56
CA THR B 171 -1.55 -12.29 -3.12
C THR B 171 -2.38 -11.01 -3.01
N PHE B 172 -3.58 -11.13 -2.48
CA PHE B 172 -4.48 -9.99 -2.37
C PHE B 172 -4.26 -9.15 -1.14
N PRO B 173 -4.90 -7.97 -1.07
CA PRO B 173 -4.76 -7.08 0.09
C PRO B 173 -5.56 -7.59 1.30
N ALA B 174 -4.96 -7.52 2.48
CA ALA B 174 -5.62 -7.97 3.69
C ALA B 174 -6.86 -7.15 4.05
N VAL B 175 -7.73 -7.76 4.87
CA VAL B 175 -8.93 -7.12 5.38
C VAL B 175 -8.73 -7.13 6.89
N LEU B 176 -9.45 -6.25 7.59
CA LEU B 176 -9.35 -6.14 9.03
C LEU B 176 -10.71 -6.27 9.70
N GLN B 177 -10.74 -7.01 10.81
CA GLN B 177 -11.98 -7.22 11.57
C GLN B 177 -11.62 -7.54 13.02
N SER B 178 -11.93 -6.61 13.93
CA SER B 178 -11.66 -6.76 15.36
C SER B 178 -10.17 -6.90 15.68
N ASP B 179 -9.35 -6.02 15.10
CA ASP B 179 -7.90 -5.99 15.28
C ASP B 179 -7.13 -7.19 14.72
N LEU B 180 -7.81 -8.04 13.94
CA LEU B 180 -7.19 -9.21 13.32
C LEU B 180 -7.31 -9.10 11.81
N TYR B 181 -6.24 -9.42 11.09
CA TYR B 181 -6.28 -9.36 9.64
C TYR B 181 -6.49 -10.76 9.09
N THR B 182 -6.80 -10.81 7.80
CA THR B 182 -7.00 -12.06 7.08
C THR B 182 -6.72 -11.69 5.63
N LEU B 183 -6.05 -12.57 4.92
CA LEU B 183 -5.66 -12.29 3.55
C LEU B 183 -5.68 -13.54 2.71
N SER B 184 -5.82 -13.39 1.41
CA SER B 184 -5.84 -14.54 0.52
C SER B 184 -4.70 -14.48 -0.48
N SER B 185 -4.30 -15.66 -0.95
CA SER B 185 -3.24 -15.81 -1.93
C SER B 185 -3.65 -16.95 -2.86
N SER B 186 -3.20 -16.91 -4.10
CA SER B 186 -3.55 -17.95 -5.04
C SER B 186 -2.41 -18.18 -6.01
N VAL B 187 -2.50 -19.25 -6.77
CA VAL B 187 -1.49 -19.59 -7.76
C VAL B 187 -2.19 -20.49 -8.78
N THR B 188 -1.98 -20.20 -10.06
CA THR B 188 -2.62 -21.00 -11.11
C THR B 188 -1.64 -21.97 -11.72
N VAL B 189 -1.83 -23.24 -11.39
CA VAL B 189 -0.98 -24.31 -11.90
C VAL B 189 -1.68 -25.00 -13.08
N PRO B 190 -0.94 -25.32 -14.14
CA PRO B 190 -1.60 -25.99 -15.27
C PRO B 190 -2.00 -27.39 -14.85
N SER B 191 -3.29 -27.70 -15.01
CA SER B 191 -3.89 -28.99 -14.65
C SER B 191 -2.89 -30.12 -14.40
N SER B 192 -2.26 -30.59 -15.48
CA SER B 192 -1.28 -31.68 -15.48
C SER B 192 -0.39 -31.78 -14.23
N THR B 193 0.11 -30.65 -13.77
CA THR B 193 1.00 -30.60 -12.61
C THR B 193 0.41 -30.96 -11.25
N TRP B 194 -0.84 -30.60 -10.99
CA TRP B 194 -1.45 -30.88 -9.69
C TRP B 194 -2.66 -31.79 -9.85
N PRO B 195 -2.87 -32.75 -8.92
CA PRO B 195 -2.12 -33.14 -7.71
C PRO B 195 -0.97 -34.14 -7.93
N SER B 196 -0.55 -34.31 -9.18
CA SER B 196 0.54 -35.22 -9.51
C SER B 196 1.78 -34.75 -8.75
N GLU B 197 1.89 -33.43 -8.61
CA GLU B 197 3.01 -32.80 -7.92
C GLU B 197 2.46 -32.21 -6.61
N THR B 198 3.35 -31.98 -5.64
CA THR B 198 2.96 -31.40 -4.35
C THR B 198 3.05 -29.88 -4.42
N VAL B 199 1.97 -29.20 -4.05
CA VAL B 199 1.97 -27.74 -4.06
C VAL B 199 1.82 -27.25 -2.63
N THR B 200 2.80 -26.48 -2.17
CA THR B 200 2.80 -25.94 -0.81
C THR B 200 2.76 -24.42 -0.80
N CYS B 201 2.06 -23.89 0.19
CA CYS B 201 1.89 -22.46 0.38
C CYS B 201 2.58 -22.12 1.70
N ASN B 202 3.67 -21.36 1.60
CA ASN B 202 4.45 -20.96 2.76
C ASN B 202 4.06 -19.57 3.25
N VAL B 203 3.76 -19.46 4.53
CA VAL B 203 3.33 -18.20 5.11
C VAL B 203 4.19 -17.86 6.31
N ALA B 204 4.83 -16.70 6.30
CA ALA B 204 5.67 -16.32 7.42
C ALA B 204 5.12 -15.10 8.12
N HIS B 205 5.18 -15.09 9.45
CA HIS B 205 4.72 -13.96 10.23
C HIS B 205 5.90 -13.50 11.06
N PRO B 206 6.70 -12.56 10.53
CA PRO B 206 7.89 -12.02 11.18
C PRO B 206 7.65 -11.67 12.65
N ALA B 207 6.62 -10.90 12.91
CA ALA B 207 6.31 -10.47 14.27
C ALA B 207 6.14 -11.55 15.34
N SER B 208 5.93 -12.81 14.93
CA SER B 208 5.77 -13.86 15.93
C SER B 208 6.83 -14.92 15.77
N SER B 209 7.59 -14.83 14.68
CA SER B 209 8.66 -15.75 14.36
C SER B 209 8.17 -17.11 13.92
N THR B 210 6.97 -17.17 13.35
CA THR B 210 6.39 -18.42 12.91
C THR B 210 6.39 -18.50 11.42
N LYS B 211 6.41 -19.72 10.92
CA LYS B 211 6.36 -20.00 9.51
C LYS B 211 5.47 -21.22 9.42
N VAL B 212 4.68 -21.31 8.35
CA VAL B 212 3.75 -22.40 8.14
C VAL B 212 3.77 -22.72 6.67
N ASP B 213 4.02 -23.97 6.33
CA ASP B 213 4.03 -24.39 4.95
C ASP B 213 2.85 -25.33 4.91
N LYS B 214 1.80 -24.95 4.20
CA LYS B 214 0.62 -25.80 4.11
C LYS B 214 0.58 -26.54 2.79
N LYS B 215 0.54 -27.85 2.85
CA LYS B 215 0.48 -28.65 1.65
C LYS B 215 -0.99 -28.53 1.24
N ILE B 216 -1.23 -28.01 0.04
CA ILE B 216 -2.59 -27.86 -0.45
C ILE B 216 -2.96 -29.14 -1.23
N VAL B 217 -3.89 -29.90 -0.66
CA VAL B 217 -4.36 -31.15 -1.24
C VAL B 217 -5.85 -31.03 -1.57
N PRO B 218 -6.33 -31.87 -2.52
CA PRO B 218 -7.74 -31.87 -2.93
C PRO B 218 -8.67 -32.53 -1.89
#